data_3GO1
#
_entry.id   3GO1
#
_cell.length_a   46.377
_cell.length_b   69.260
_cell.length_c   71.693
_cell.angle_alpha   90.00
_cell.angle_beta   107.24
_cell.angle_gamma   90.00
#
_symmetry.space_group_name_H-M   'P 1 21 1'
#
loop_
_entity.id
_entity.type
_entity.pdbx_description
1 polymer 'Fab 268-D, light chain'
2 polymer 'Fab 268-D, heavy chain'
3 polymer 'Envelope glycoprotein gp160'
4 non-polymer 'SULFATE ION'
5 water water
#
loop_
_entity_poly.entity_id
_entity_poly.type
_entity_poly.pdbx_seq_one_letter_code
_entity_poly.pdbx_strand_id
1 'polypeptide(L)'
;SYVLTQPPSVSVSPGQTARITCSAEALSNQYAYWYRQRPGQAPLLIIYKDTKRPSGIPERFSGSTSGTTVTLTISGVQAE
DEADYYCQSADSSGDYVFGGGTKVTVLGQPKANPTVTLFPPSSEELQANKATLVCLISDFYPGAVTVAWKADGSPVKAGV
ETTKPSKQSNNKYAASSYLSLTPEQWKSHRSYSCQVTHEGSTVEKTVAP
;
L
2 'polypeptide(L)'
;EVQLQESGPGLVKPSETLSLTCTVSGGPINNAYWTWIRQPPGKGLEYLGYVYHTGVTNYNPSLKSRLTITIDTSRKQLSL
SLKFVTAADSAVYYCAREWAEDGDFGNAFHVWGQGTMVAVSSASTKGPSVFPLAPSSKSTSGGTAALGCLVKDYFPEPVT
VSWNSGALTSGVHTFPAVLQSSGLYSLSSVVTVPSSSLGTQTYICNVNHKPSNTKVDKRVEP
;
H
3 'polypeptide(L)' RKRIHIGPGRAFYT P
#
loop_
_chem_comp.id
_chem_comp.type
_chem_comp.name
_chem_comp.formula
SO4 non-polymer 'SULFATE ION' 'O4 S -2'
#
# COMPACT_ATOMS: atom_id res chain seq x y z
N SER A 1 -1.81 -25.18 18.14
CA SER A 1 -0.86 -24.29 17.42
C SER A 1 -0.35 -24.95 16.13
N TYR A 2 -0.23 -24.13 15.08
CA TYR A 2 0.20 -24.62 13.77
C TYR A 2 0.74 -23.48 12.90
N VAL A 3 1.54 -23.85 11.91
CA VAL A 3 2.14 -22.90 10.97
C VAL A 3 1.84 -23.34 9.54
N LEU A 4 1.49 -22.37 8.68
CA LEU A 4 1.23 -22.65 7.26
C LEU A 4 2.46 -22.31 6.42
N THR A 5 2.99 -23.32 5.74
CA THR A 5 4.24 -23.18 4.98
C THR A 5 3.98 -23.05 3.48
N GLN A 6 4.28 -21.88 2.93
CA GLN A 6 4.22 -21.64 1.48
C GLN A 6 5.53 -21.02 0.97
N PRO A 7 5.93 -21.36 -0.27
CA PRO A 7 7.17 -20.81 -0.85
C PRO A 7 7.11 -19.30 -1.03
N PRO A 8 8.24 -18.59 -0.82
CA PRO A 8 8.20 -17.13 -0.89
C PRO A 8 8.08 -16.59 -2.32
N SER A 9 8.40 -17.42 -3.31
CA SER A 9 8.44 -16.99 -4.71
C SER A 9 8.11 -18.11 -5.69
N VAL A 10 7.35 -17.76 -6.72
CA VAL A 10 7.04 -18.65 -7.84
C VAL A 10 7.16 -17.86 -9.14
N SER A 11 7.95 -18.39 -10.08
CA SER A 11 8.17 -17.73 -11.37
C SER A 11 7.59 -18.55 -12.52
N VAL A 12 6.87 -17.87 -13.41
CA VAL A 12 6.27 -18.49 -14.60
C VAL A 12 6.31 -17.56 -15.81
N SER A 13 6.25 -18.15 -17.00
CA SER A 13 6.17 -17.39 -18.25
C SER A 13 4.70 -17.14 -18.63
N PRO A 14 4.43 -16.11 -19.46
CA PRO A 14 3.06 -15.83 -19.88
C PRO A 14 2.37 -17.00 -20.56
N GLY A 15 1.10 -17.21 -20.25
CA GLY A 15 0.31 -18.30 -20.82
C GLY A 15 0.44 -19.62 -20.08
N GLN A 16 1.45 -19.73 -19.21
CA GLN A 16 1.70 -20.94 -18.45
C GLN A 16 0.85 -21.01 -17.18
N THR A 17 0.95 -22.14 -16.47
CA THR A 17 0.17 -22.36 -15.26
C THR A 17 1.05 -22.24 -14.01
N ALA A 18 0.64 -21.36 -13.11
CA ALA A 18 1.33 -21.19 -11.82
C ALA A 18 0.66 -22.06 -10.77
N ARG A 19 1.49 -22.72 -9.96
CA ARG A 19 0.99 -23.56 -8.87
C ARG A 19 1.67 -23.19 -7.56
N ILE A 20 0.85 -22.78 -6.59
CA ILE A 20 1.33 -22.39 -5.27
C ILE A 20 0.82 -23.37 -4.23
N THR A 21 1.75 -23.98 -3.50
CA THR A 21 1.39 -24.95 -2.46
C THR A 21 1.42 -24.32 -1.08
N CYS A 22 0.57 -24.83 -0.20
CA CYS A 22 0.55 -24.44 1.20
C CYS A 22 0.33 -25.71 2.02
N SER A 23 1.18 -25.93 3.01
CA SER A 23 1.15 -27.19 3.75
C SER A 23 1.26 -27.03 5.26
N ALA A 24 0.52 -27.90 5.96
CA ALA A 24 0.58 -28.03 7.43
C ALA A 24 -0.13 -29.31 7.81
N GLU A 25 0.33 -29.96 8.88
CA GLU A 25 -0.37 -31.13 9.42
C GLU A 25 -1.81 -30.78 9.79
N ALA A 26 -2.01 -29.53 10.21
CA ALA A 26 -3.33 -29.01 10.55
C ALA A 26 -4.33 -29.04 9.38
N LEU A 27 -3.82 -28.97 8.15
CA LEU A 27 -4.69 -28.90 6.96
C LEU A 27 -5.44 -30.19 6.63
N SER A 28 -5.07 -31.29 7.27
CA SER A 28 -5.76 -32.57 7.05
C SER A 28 -7.23 -32.50 7.49
N ASN A 29 -7.49 -31.77 8.57
CA ASN A 29 -8.86 -31.59 9.06
C ASN A 29 -9.30 -30.11 9.14
N GLN A 30 -8.56 -29.23 8.48
CA GLN A 30 -8.89 -27.80 8.42
C GLN A 30 -9.01 -27.32 6.98
N TYR A 31 -9.91 -26.37 6.75
CA TYR A 31 -10.07 -25.74 5.45
C TYR A 31 -8.97 -24.71 5.22
N ALA A 32 -8.61 -24.52 3.94
CA ALA A 32 -7.71 -23.46 3.55
C ALA A 32 -8.45 -22.38 2.77
N TYR A 33 -7.89 -21.17 2.78
CA TYR A 33 -8.45 -20.02 2.10
C TYR A 33 -7.32 -19.27 1.41
N TRP A 34 -7.59 -18.76 0.22
CA TRP A 34 -6.56 -18.09 -0.57
C TRP A 34 -6.90 -16.63 -0.85
N TYR A 35 -5.90 -15.76 -0.74
CA TYR A 35 -6.05 -14.32 -1.00
C TYR A 35 -5.01 -13.82 -1.97
N ARG A 36 -5.42 -12.91 -2.85
CA ARG A 36 -4.49 -12.19 -3.72
C ARG A 36 -4.34 -10.77 -3.19
N GLN A 37 -3.09 -10.31 -3.06
CA GLN A 37 -2.83 -8.93 -2.66
C GLN A 37 -1.88 -8.24 -3.63
N ARG A 38 -2.38 -7.21 -4.29
CA ARG A 38 -1.58 -6.36 -5.17
C ARG A 38 -0.88 -5.29 -4.31
N PRO A 39 0.26 -4.76 -4.80
CA PRO A 39 0.98 -3.70 -4.08
C PRO A 39 0.08 -2.53 -3.70
N GLY A 40 0.16 -2.11 -2.44
CA GLY A 40 -0.59 -0.96 -1.90
C GLY A 40 -2.09 -1.16 -1.83
N GLN A 41 -2.51 -2.42 -1.68
CA GLN A 41 -3.92 -2.78 -1.81
C GLN A 41 -4.32 -3.77 -0.74
N ALA A 42 -5.61 -3.76 -0.39
CA ALA A 42 -6.19 -4.75 0.51
C ALA A 42 -6.25 -6.12 -0.20
N PRO A 43 -6.16 -7.22 0.56
CA PRO A 43 -6.28 -8.56 -0.04
C PRO A 43 -7.67 -8.82 -0.64
N LEU A 44 -7.71 -9.74 -1.60
CA LEU A 44 -8.93 -10.17 -2.25
C LEU A 44 -9.10 -11.67 -2.04
N LEU A 45 -10.23 -12.09 -1.50
CA LEU A 45 -10.53 -13.51 -1.33
C LEU A 45 -10.71 -14.17 -2.70
N ILE A 46 -9.92 -15.19 -2.98
CA ILE A 46 -10.02 -15.88 -4.28
C ILE A 46 -10.49 -17.34 -4.18
N ILE A 47 -10.13 -18.01 -3.09
CA ILE A 47 -10.60 -19.38 -2.81
C ILE A 47 -11.00 -19.52 -1.34
N TYR A 48 -12.15 -20.15 -1.09
CA TYR A 48 -12.57 -20.48 0.27
C TYR A 48 -12.93 -21.96 0.40
N LYS A 49 -12.78 -22.48 1.61
CA LYS A 49 -13.04 -23.90 1.91
C LYS A 49 -12.37 -24.85 0.90
N ASP A 50 -11.07 -24.67 0.74
CA ASP A 50 -10.22 -25.48 -0.15
C ASP A 50 -10.42 -25.27 -1.65
N THR A 51 -11.67 -25.29 -2.11
CA THR A 51 -11.93 -25.45 -3.55
C THR A 51 -12.94 -24.48 -4.16
N LYS A 52 -13.59 -23.67 -3.33
CA LYS A 52 -14.71 -22.84 -3.79
C LYS A 52 -14.30 -21.43 -4.21
N ARG A 53 -14.91 -20.96 -5.30
CA ARG A 53 -14.67 -19.60 -5.79
C ARG A 53 -15.82 -18.67 -5.42
N PRO A 54 -15.50 -17.46 -4.93
CA PRO A 54 -16.49 -16.38 -4.85
C PRO A 54 -16.95 -15.99 -6.26
N SER A 55 -18.11 -15.35 -6.34
CA SER A 55 -18.75 -15.03 -7.61
C SER A 55 -17.88 -14.28 -8.64
N GLY A 56 -17.08 -13.34 -8.17
CA GLY A 56 -16.23 -12.55 -9.07
C GLY A 56 -14.98 -13.24 -9.57
N ILE A 57 -14.70 -14.43 -9.07
CA ILE A 57 -13.45 -15.14 -9.36
C ILE A 57 -13.63 -16.14 -10.52
N PRO A 58 -12.84 -15.97 -11.60
CA PRO A 58 -12.96 -16.82 -12.79
C PRO A 58 -12.37 -18.22 -12.59
N GLU A 59 -12.79 -19.15 -13.44
CA GLU A 59 -12.43 -20.57 -13.33
C GLU A 59 -10.94 -20.87 -13.48
N ARG A 60 -10.19 -19.92 -14.08
CA ARG A 60 -8.74 -20.05 -14.23
C ARG A 60 -8.01 -20.11 -12.88
N PHE A 61 -8.68 -19.64 -11.82
CA PHE A 61 -8.21 -19.77 -10.45
C PHE A 61 -8.89 -20.99 -9.82
N SER A 62 -8.11 -22.03 -9.54
CA SER A 62 -8.66 -23.23 -8.92
C SER A 62 -7.91 -23.64 -7.66
N GLY A 63 -8.66 -24.04 -6.64
CA GLY A 63 -8.06 -24.57 -5.42
C GLY A 63 -8.27 -26.06 -5.33
N SER A 64 -7.25 -26.77 -4.87
CA SER A 64 -7.35 -28.22 -4.65
C SER A 64 -6.75 -28.60 -3.31
N THR A 65 -7.19 -29.73 -2.77
CA THR A 65 -6.71 -30.24 -1.49
C THR A 65 -6.24 -31.69 -1.59
N SER A 66 -5.08 -31.98 -1.00
CA SER A 66 -4.56 -33.34 -0.96
C SER A 66 -3.80 -33.62 0.34
N GLY A 67 -4.50 -34.23 1.29
CA GLY A 67 -3.93 -34.54 2.60
C GLY A 67 -3.57 -33.26 3.34
N THR A 68 -2.28 -33.08 3.57
CA THR A 68 -1.78 -31.93 4.34
C THR A 68 -1.30 -30.77 3.46
N THR A 69 -1.64 -30.83 2.18
CA THR A 69 -1.23 -29.79 1.23
C THR A 69 -2.42 -29.30 0.41
N VAL A 70 -2.56 -27.97 0.35
CA VAL A 70 -3.49 -27.34 -0.58
C VAL A 70 -2.71 -26.62 -1.68
N THR A 71 -3.33 -26.52 -2.85
CA THR A 71 -2.69 -25.92 -4.00
C THR A 71 -3.60 -24.91 -4.67
N LEU A 72 -3.08 -23.70 -4.86
CA LEU A 72 -3.73 -22.71 -5.71
C LEU A 72 -3.13 -22.81 -7.10
N THR A 73 -3.99 -23.07 -8.08
CA THR A 73 -3.58 -23.18 -9.47
C THR A 73 -4.13 -22.01 -10.27
N ILE A 74 -3.24 -21.26 -10.92
CA ILE A 74 -3.63 -20.17 -11.82
C ILE A 74 -3.20 -20.52 -13.24
N SER A 75 -4.19 -20.77 -14.10
CA SER A 75 -3.93 -21.07 -15.51
C SER A 75 -3.98 -19.80 -16.36
N GLY A 76 -3.24 -19.82 -17.47
CA GLY A 76 -3.20 -18.68 -18.40
C GLY A 76 -2.65 -17.42 -17.76
N VAL A 77 -1.54 -17.57 -17.04
CA VAL A 77 -0.93 -16.50 -16.26
C VAL A 77 -0.40 -15.37 -17.16
N GLN A 78 -0.79 -14.14 -16.83
CA GLN A 78 -0.25 -12.97 -17.49
C GLN A 78 0.32 -12.00 -16.46
N ALA A 79 0.90 -10.90 -16.92
CA ALA A 79 1.56 -9.92 -16.05
C ALA A 79 0.67 -9.39 -14.93
N GLU A 80 -0.64 -9.27 -15.22
CA GLU A 80 -1.62 -8.74 -14.26
C GLU A 80 -1.80 -9.64 -13.04
N ASP A 81 -1.34 -10.89 -13.15
CA ASP A 81 -1.42 -11.84 -12.05
C ASP A 81 -0.27 -11.70 -11.04
N GLU A 82 0.74 -10.89 -11.38
CA GLU A 82 1.83 -10.59 -10.45
C GLU A 82 1.28 -9.94 -9.19
N ALA A 83 1.46 -10.63 -8.06
CA ALA A 83 0.94 -10.21 -6.76
C ALA A 83 1.47 -11.15 -5.69
N ASP A 84 1.14 -10.85 -4.44
CA ASP A 84 1.39 -11.76 -3.33
C ASP A 84 0.14 -12.57 -3.05
N TYR A 85 0.32 -13.89 -2.92
CA TYR A 85 -0.80 -14.79 -2.65
C TYR A 85 -0.62 -15.45 -1.30
N TYR A 86 -1.64 -15.33 -0.45
CA TYR A 86 -1.60 -15.85 0.91
C TYR A 86 -2.57 -17.00 1.11
N CYS A 87 -2.08 -18.07 1.72
CA CYS A 87 -2.96 -19.12 2.23
C CYS A 87 -3.32 -18.81 3.68
N GLN A 88 -4.48 -19.27 4.12
CA GLN A 88 -4.99 -19.01 5.46
C GLN A 88 -5.86 -20.18 5.92
N SER A 89 -5.85 -20.43 7.23
CA SER A 89 -6.72 -21.44 7.82
C SER A 89 -7.21 -21.02 9.20
N ALA A 90 -8.08 -21.84 9.78
CA ALA A 90 -8.55 -21.67 11.15
C ALA A 90 -8.81 -23.04 11.75
N ASP A 91 -8.54 -23.19 13.04
CA ASP A 91 -8.90 -24.41 13.75
C ASP A 91 -10.17 -24.18 14.59
N SER A 92 -10.68 -25.25 15.20
CA SER A 92 -11.92 -25.18 15.99
C SER A 92 -11.87 -24.14 17.11
N SER A 93 -10.69 -23.96 17.71
CA SER A 93 -10.50 -23.04 18.84
C SER A 93 -10.54 -21.57 18.44
N GLY A 94 -10.44 -21.28 17.15
CA GLY A 94 -10.42 -19.91 16.65
C GLY A 94 -9.02 -19.35 16.50
N ASP A 95 -8.05 -20.24 16.25
CA ASP A 95 -6.69 -19.83 15.94
C ASP A 95 -6.56 -19.69 14.42
N TYR A 96 -6.68 -18.46 13.93
CA TYR A 96 -6.56 -18.18 12.50
C TYR A 96 -5.10 -17.86 12.18
N VAL A 97 -4.58 -18.53 11.16
CA VAL A 97 -3.17 -18.40 10.79
C VAL A 97 -3.06 -18.13 9.29
N PHE A 98 -2.16 -17.21 8.94
CA PHE A 98 -1.81 -16.93 7.54
C PHE A 98 -0.46 -17.54 7.22
N GLY A 99 -0.30 -18.01 5.99
CA GLY A 99 1.01 -18.39 5.46
C GLY A 99 1.84 -17.12 5.23
N GLY A 100 3.13 -17.31 4.96
CA GLY A 100 4.05 -16.19 4.75
C GLY A 100 3.85 -15.42 3.47
N GLY A 101 3.03 -15.96 2.56
CA GLY A 101 2.77 -15.32 1.27
C GLY A 101 3.72 -15.77 0.18
N THR A 102 3.21 -15.83 -1.05
CA THR A 102 4.00 -16.22 -2.21
C THR A 102 3.94 -15.12 -3.26
N LYS A 103 5.10 -14.58 -3.61
CA LYS A 103 5.19 -13.59 -4.67
C LYS A 103 5.25 -14.28 -6.03
N VAL A 104 4.27 -14.00 -6.88
CA VAL A 104 4.27 -14.52 -8.24
C VAL A 104 4.96 -13.51 -9.16
N THR A 105 6.00 -13.98 -9.85
CA THR A 105 6.71 -13.19 -10.85
C THR A 105 6.47 -13.77 -12.24
N VAL A 106 6.05 -12.91 -13.17
CA VAL A 106 5.89 -13.30 -14.56
C VAL A 106 7.16 -12.94 -15.33
N LEU A 107 7.82 -13.96 -15.86
CA LEU A 107 9.07 -13.80 -16.57
C LEU A 107 8.83 -13.35 -18.02
N GLY A 108 9.89 -12.89 -18.67
CA GLY A 108 9.84 -12.55 -20.10
C GLY A 108 9.04 -11.32 -20.46
N GLN A 109 8.79 -10.45 -19.48
CA GLN A 109 8.08 -9.20 -19.74
C GLN A 109 8.98 -8.24 -20.52
N PRO A 110 8.40 -7.50 -21.49
CA PRO A 110 9.19 -6.60 -22.32
C PRO A 110 9.74 -5.41 -21.55
N LYS A 111 10.90 -4.92 -21.98
CA LYS A 111 11.50 -3.72 -21.41
C LYS A 111 10.58 -2.51 -21.62
N ALA A 112 10.54 -1.65 -20.61
CA ALA A 112 9.85 -0.37 -20.71
C ALA A 112 10.83 0.72 -20.29
N ASN A 113 11.03 1.71 -21.17
CA ASN A 113 11.96 2.80 -20.92
C ASN A 113 11.36 3.85 -19.99
N PRO A 114 12.18 4.43 -19.10
CA PRO A 114 11.65 5.39 -18.12
C PRO A 114 11.26 6.75 -18.71
N THR A 115 10.19 7.31 -18.18
CA THR A 115 9.86 8.72 -18.37
C THR A 115 10.48 9.47 -17.20
N VAL A 116 11.19 10.55 -17.50
CA VAL A 116 11.87 11.34 -16.48
C VAL A 116 11.30 12.75 -16.44
N THR A 117 10.90 13.20 -15.25
CA THR A 117 10.42 14.57 -15.06
C THR A 117 11.20 15.26 -13.95
N LEU A 118 11.73 16.43 -14.26
CA LEU A 118 12.56 17.19 -13.33
C LEU A 118 12.00 18.58 -13.07
N PHE A 119 11.79 18.90 -11.79
CA PHE A 119 11.35 20.23 -11.39
C PHE A 119 12.43 20.94 -10.59
N PRO A 120 12.63 22.25 -10.87
CA PRO A 120 13.53 23.07 -10.06
C PRO A 120 12.87 23.44 -8.73
N PRO A 121 13.63 24.02 -7.78
CA PRO A 121 13.01 24.55 -6.57
C PRO A 121 11.97 25.62 -6.92
N SER A 122 10.83 25.58 -6.24
CA SER A 122 9.81 26.60 -6.41
C SER A 122 10.24 27.89 -5.74
N SER A 123 9.76 29.02 -6.24
CA SER A 123 10.07 30.32 -5.64
C SER A 123 9.62 30.38 -4.19
N GLU A 124 8.51 29.69 -3.89
CA GLU A 124 8.01 29.59 -2.52
C GLU A 124 8.97 28.86 -1.60
N GLU A 125 9.60 27.79 -2.10
CA GLU A 125 10.59 27.07 -1.30
C GLU A 125 11.84 27.92 -1.06
N LEU A 126 12.29 28.62 -2.09
CA LEU A 126 13.47 29.49 -2.00
C LEU A 126 13.25 30.61 -0.97
N GLN A 127 12.03 31.13 -0.92
CA GLN A 127 11.65 32.13 0.08
C GLN A 127 11.64 31.58 1.50
N ALA A 128 11.42 30.27 1.62
CA ALA A 128 11.51 29.57 2.91
C ALA A 128 12.95 29.16 3.23
N ASN A 129 13.90 29.71 2.45
CA ASN A 129 15.34 29.45 2.57
C ASN A 129 15.74 27.98 2.41
N LYS A 130 15.06 27.30 1.49
CA LYS A 130 15.38 25.92 1.14
C LYS A 130 15.29 25.73 -0.37
N ALA A 131 15.82 24.60 -0.86
CA ALA A 131 15.82 24.31 -2.30
C ALA A 131 15.88 22.81 -2.55
N THR A 132 14.88 22.29 -3.25
CA THR A 132 14.81 20.87 -3.58
C THR A 132 14.60 20.68 -5.06
N LEU A 133 15.50 19.94 -5.70
CA LEU A 133 15.29 19.49 -7.07
C LEU A 133 14.59 18.14 -7.01
N VAL A 134 13.56 17.98 -7.86
CA VAL A 134 12.71 16.80 -7.81
C VAL A 134 12.79 16.06 -9.14
N CYS A 135 13.33 14.84 -9.10
CA CYS A 135 13.44 13.99 -10.29
C CYS A 135 12.53 12.78 -10.16
N LEU A 136 11.52 12.73 -11.02
CA LEU A 136 10.49 11.70 -10.96
C LEU A 136 10.61 10.75 -12.15
N ILE A 137 10.67 9.46 -11.84
CA ILE A 137 10.94 8.44 -12.84
C ILE A 137 9.79 7.43 -12.84
N SER A 138 9.21 7.21 -14.02
CA SER A 138 8.01 6.37 -14.11
C SER A 138 7.97 5.49 -15.37
N ASP A 139 7.12 4.47 -15.31
CA ASP A 139 6.83 3.60 -16.46
C ASP A 139 8.04 2.84 -16.99
N PHE A 140 8.91 2.37 -16.09
CA PHE A 140 10.06 1.56 -16.50
C PHE A 140 9.97 0.10 -16.08
N TYR A 141 10.60 -0.77 -16.87
CA TYR A 141 10.68 -2.20 -16.57
C TYR A 141 11.94 -2.78 -17.23
N PRO A 142 12.72 -3.61 -16.51
CA PRO A 142 12.52 -4.09 -15.13
C PRO A 142 12.76 -3.03 -14.06
N GLY A 143 12.53 -3.39 -12.80
CA GLY A 143 12.56 -2.44 -11.70
C GLY A 143 13.93 -2.19 -11.10
N ALA A 144 14.85 -1.74 -11.93
CA ALA A 144 16.20 -1.36 -11.50
C ALA A 144 16.64 -0.11 -12.24
N VAL A 145 16.95 0.93 -11.49
CA VAL A 145 17.46 2.20 -12.05
C VAL A 145 18.63 2.75 -11.24
N THR A 146 19.44 3.56 -11.92
CA THR A 146 20.49 4.33 -11.29
C THR A 146 20.23 5.81 -11.57
N VAL A 147 20.31 6.62 -10.53
CA VAL A 147 20.11 8.06 -10.66
C VAL A 147 21.41 8.79 -10.31
N ALA A 148 21.83 9.69 -11.19
CA ALA A 148 23.01 10.51 -10.96
C ALA A 148 22.69 11.99 -11.10
N TRP A 149 23.07 12.78 -10.10
CA TRP A 149 22.87 14.21 -10.12
C TRP A 149 24.17 14.94 -10.48
N LYS A 150 24.05 15.98 -11.29
CA LYS A 150 25.20 16.80 -11.65
C LYS A 150 24.92 18.30 -11.53
N ALA A 151 25.96 19.05 -11.18
CA ALA A 151 25.92 20.50 -11.16
C ALA A 151 27.03 21.01 -12.07
N ASP A 152 26.65 21.63 -13.18
CA ASP A 152 27.59 22.05 -14.23
C ASP A 152 28.56 20.94 -14.64
N GLY A 153 28.01 19.74 -14.83
CA GLY A 153 28.79 18.58 -15.26
C GLY A 153 29.55 17.85 -14.16
N SER A 154 29.56 18.43 -12.96
CA SER A 154 30.23 17.82 -11.82
C SER A 154 29.25 17.03 -10.94
N PRO A 155 29.60 15.78 -10.59
CA PRO A 155 28.71 14.92 -9.80
C PRO A 155 28.39 15.52 -8.43
N VAL A 156 27.14 15.33 -7.99
CA VAL A 156 26.71 15.74 -6.66
C VAL A 156 26.30 14.50 -5.87
N LYS A 157 27.06 14.22 -4.80
CA LYS A 157 26.85 13.02 -3.99
C LYS A 157 26.10 13.32 -2.70
N ALA A 158 26.35 14.49 -2.12
CA ALA A 158 25.72 14.89 -0.87
C ALA A 158 24.33 15.45 -1.07
N GLY A 159 23.44 15.20 -0.10
CA GLY A 159 22.09 15.76 -0.11
C GLY A 159 21.11 15.08 -1.05
N VAL A 160 21.44 13.86 -1.46
CA VAL A 160 20.59 13.07 -2.36
C VAL A 160 19.75 12.04 -1.57
N GLU A 161 18.46 12.02 -1.85
CA GLU A 161 17.55 11.02 -1.28
C GLU A 161 16.78 10.35 -2.43
N THR A 162 16.91 9.03 -2.54
CA THR A 162 16.35 8.27 -3.65
C THR A 162 15.56 7.04 -3.17
N THR A 163 14.36 6.85 -3.71
CA THR A 163 13.52 5.71 -3.34
C THR A 163 14.00 4.42 -4.01
N LYS A 164 13.67 3.29 -3.38
CA LYS A 164 13.71 2.00 -4.06
C LYS A 164 12.55 2.01 -5.07
N PRO A 165 12.75 1.44 -6.27
CA PRO A 165 11.62 1.40 -7.20
C PRO A 165 10.50 0.51 -6.67
N SER A 166 9.26 0.87 -7.00
CA SER A 166 8.11 0.06 -6.62
C SER A 166 7.10 -0.03 -7.76
N LYS A 167 6.34 -1.12 -7.77
CA LYS A 167 5.37 -1.42 -8.82
C LYS A 167 4.24 -0.39 -8.88
N GLN A 168 3.96 0.09 -10.09
CA GLN A 168 2.77 0.89 -10.36
C GLN A 168 1.60 -0.07 -10.65
N SER A 169 0.42 0.49 -10.90
CA SER A 169 -0.77 -0.32 -11.20
C SER A 169 -0.84 -0.83 -12.64
N ASN A 170 0.21 -0.58 -13.42
CA ASN A 170 0.33 -1.12 -14.78
C ASN A 170 1.53 -2.07 -14.93
N ASN A 171 1.98 -2.62 -13.81
CA ASN A 171 3.13 -3.54 -13.73
C ASN A 171 4.51 -2.93 -14.07
N LYS A 172 4.52 -1.66 -14.45
CA LYS A 172 5.78 -0.94 -14.61
C LYS A 172 6.16 -0.32 -13.27
N TYR A 173 7.37 0.23 -13.18
CA TYR A 173 7.90 0.73 -11.91
C TYR A 173 8.00 2.25 -11.85
N ALA A 174 8.02 2.78 -10.63
CA ALA A 174 8.24 4.20 -10.39
C ALA A 174 9.30 4.41 -9.33
N ALA A 175 10.05 5.50 -9.46
CA ALA A 175 11.05 5.90 -8.47
C ALA A 175 11.16 7.42 -8.41
N SER A 176 11.72 7.91 -7.31
CA SER A 176 11.91 9.35 -7.10
C SER A 176 13.30 9.62 -6.53
N SER A 177 13.87 10.75 -6.92
CA SER A 177 15.13 11.21 -6.35
C SER A 177 15.05 12.71 -6.07
N TYR A 178 15.55 13.09 -4.91
CA TYR A 178 15.47 14.47 -4.43
C TYR A 178 16.86 14.98 -4.10
N LEU A 179 17.21 16.15 -4.66
CA LEU A 179 18.48 16.80 -4.33
C LEU A 179 18.25 18.05 -3.51
N SER A 180 18.79 18.06 -2.30
CA SER A 180 18.69 19.20 -1.40
C SER A 180 19.88 20.14 -1.57
N LEU A 181 19.57 21.43 -1.69
CA LEU A 181 20.59 22.48 -1.80
C LEU A 181 20.17 23.67 -0.97
N THR A 182 21.14 24.52 -0.62
CA THR A 182 20.81 25.85 -0.10
C THR A 182 20.45 26.71 -1.30
N PRO A 183 19.61 27.75 -1.09
CA PRO A 183 19.29 28.67 -2.20
C PRO A 183 20.54 29.31 -2.82
N GLU A 184 21.60 29.43 -2.01
CA GLU A 184 22.87 29.98 -2.46
C GLU A 184 23.59 29.03 -3.42
N GLN A 185 23.56 27.73 -3.09
CA GLN A 185 24.12 26.69 -3.95
C GLN A 185 23.37 26.57 -5.27
N TRP A 186 22.04 26.70 -5.20
CA TRP A 186 21.16 26.62 -6.37
C TRP A 186 21.50 27.71 -7.41
N LYS A 187 21.66 28.94 -6.94
CA LYS A 187 21.91 30.08 -7.83
C LYS A 187 23.36 30.17 -8.34
N SER A 188 24.27 29.45 -7.68
CA SER A 188 25.70 29.54 -7.99
C SER A 188 26.13 28.72 -9.22
N HIS A 189 25.22 27.88 -9.74
CA HIS A 189 25.54 27.04 -10.90
C HIS A 189 24.69 27.41 -12.12
N ARG A 190 25.23 27.15 -13.31
CA ARG A 190 24.54 27.45 -14.56
C ARG A 190 23.42 26.45 -14.82
N SER A 191 23.65 25.18 -14.51
CA SER A 191 22.66 24.13 -14.75
C SER A 191 22.84 22.91 -13.84
N TYR A 192 21.72 22.23 -13.59
CA TYR A 192 21.71 20.97 -12.85
C TYR A 192 21.12 19.88 -13.72
N SER A 193 21.60 18.64 -13.55
CA SER A 193 21.11 17.49 -14.30
C SER A 193 20.69 16.33 -13.40
N CYS A 194 19.56 15.71 -13.75
CA CYS A 194 19.20 14.40 -13.23
C CYS A 194 19.39 13.38 -14.35
N GLN A 195 20.36 12.47 -14.17
CA GLN A 195 20.63 11.44 -15.17
C GLN A 195 20.11 10.09 -14.70
N VAL A 196 19.17 9.53 -15.44
CA VAL A 196 18.56 8.25 -15.08
C VAL A 196 19.03 7.15 -16.03
N THR A 197 19.73 6.16 -15.49
CA THR A 197 20.22 5.03 -16.27
C THR A 197 19.37 3.77 -16.01
N HIS A 198 18.85 3.21 -17.10
CA HIS A 198 18.00 2.02 -17.08
C HIS A 198 18.39 1.09 -18.21
N GLU A 199 18.72 -0.15 -17.86
CA GLU A 199 19.13 -1.17 -18.82
C GLU A 199 20.16 -0.63 -19.82
N GLY A 200 21.22 -0.03 -19.28
CA GLY A 200 22.34 0.48 -20.09
C GLY A 200 22.12 1.77 -20.86
N SER A 201 20.91 2.33 -20.80
CA SER A 201 20.60 3.59 -21.50
C SER A 201 20.21 4.70 -20.52
N THR A 202 20.56 5.94 -20.86
CA THR A 202 20.39 7.07 -19.96
C THR A 202 19.42 8.11 -20.49
N VAL A 203 18.46 8.48 -19.66
CA VAL A 203 17.58 9.63 -19.93
C VAL A 203 17.94 10.76 -18.97
N GLU A 204 18.34 11.89 -19.52
CA GLU A 204 18.79 13.03 -18.73
C GLU A 204 17.90 14.26 -18.92
N LYS A 205 17.56 14.91 -17.82
CA LYS A 205 16.86 16.18 -17.84
C LYS A 205 17.71 17.25 -17.16
N THR A 206 17.69 18.46 -17.71
CA THR A 206 18.44 19.58 -17.14
C THR A 206 17.53 20.73 -16.72
N VAL A 207 17.98 21.50 -15.74
CA VAL A 207 17.29 22.72 -15.30
C VAL A 207 18.32 23.82 -15.04
N ALA A 208 17.93 25.06 -15.30
CA ALA A 208 18.82 26.20 -15.09
C ALA A 208 18.12 27.26 -14.23
N PRO A 209 18.84 27.77 -13.21
CA PRO A 209 18.32 28.84 -12.36
C PRO A 209 18.05 30.12 -13.15
N GLU B 1 -22.01 -4.91 -0.73
CA GLU B 1 -22.18 -3.46 -0.40
C GLU B 1 -21.53 -3.07 0.93
N VAL B 2 -21.20 -4.06 1.76
CA VAL B 2 -20.53 -3.78 3.03
C VAL B 2 -19.22 -3.04 2.77
N GLN B 3 -19.05 -1.90 3.43
CA GLN B 3 -17.82 -1.12 3.37
C GLN B 3 -17.27 -0.87 4.77
N LEU B 4 -15.95 -0.92 4.87
CA LEU B 4 -15.27 -0.77 6.15
C LEU B 4 -14.27 0.37 6.10
N GLN B 5 -14.31 1.22 7.12
CA GLN B 5 -13.40 2.36 7.22
C GLN B 5 -12.69 2.36 8.57
N GLU B 6 -11.37 2.19 8.54
CA GLU B 6 -10.56 2.25 9.75
C GLU B 6 -10.15 3.68 10.05
N SER B 7 -10.03 4.00 11.33
CA SER B 7 -9.49 5.29 11.77
C SER B 7 -8.53 5.06 12.92
N GLY B 8 -7.39 5.74 12.86
CA GLY B 8 -6.34 5.59 13.86
C GLY B 8 -5.53 6.85 14.06
N PRO B 9 -4.59 6.82 15.03
CA PRO B 9 -3.82 8.00 15.40
C PRO B 9 -2.61 8.26 14.50
N GLY B 10 -2.26 7.29 13.66
CA GLY B 10 -1.09 7.36 12.79
C GLY B 10 0.21 7.03 13.51
N LEU B 11 0.33 7.55 14.72
CA LEU B 11 1.55 7.40 15.52
C LEU B 11 1.20 7.10 16.97
N VAL B 12 1.91 6.13 17.55
CA VAL B 12 1.79 5.79 18.97
C VAL B 12 3.19 5.60 19.55
N LYS B 13 3.39 6.08 20.77
CA LYS B 13 4.68 5.93 21.46
C LYS B 13 4.82 4.52 22.02
N PRO B 14 6.07 3.98 22.05
CA PRO B 14 6.31 2.67 22.66
C PRO B 14 5.77 2.59 24.09
N SER B 15 5.24 1.43 24.45
CA SER B 15 4.61 1.15 25.76
C SER B 15 3.19 1.71 25.94
N GLU B 16 2.77 2.60 25.05
CA GLU B 16 1.41 3.17 25.10
C GLU B 16 0.38 2.21 24.52
N THR B 17 -0.89 2.59 24.60
CA THR B 17 -1.99 1.79 24.06
C THR B 17 -2.41 2.31 22.69
N LEU B 18 -2.46 1.40 21.72
CA LEU B 18 -2.99 1.72 20.40
C LEU B 18 -4.51 1.59 20.39
N SER B 19 -5.19 2.64 19.95
CA SER B 19 -6.65 2.62 19.81
C SER B 19 -7.05 2.86 18.36
N LEU B 20 -7.87 1.96 17.82
CA LEU B 20 -8.38 2.08 16.46
C LEU B 20 -9.88 1.90 16.45
N THR B 21 -10.53 2.44 15.43
CA THR B 21 -11.96 2.25 15.24
C THR B 21 -12.22 1.84 13.78
N CYS B 22 -13.19 0.96 13.61
CA CYS B 22 -13.68 0.59 12.29
C CYS B 22 -15.17 0.90 12.24
N THR B 23 -15.59 1.61 11.19
CA THR B 23 -17.00 1.92 10.99
C THR B 23 -17.54 1.05 9.86
N VAL B 24 -18.67 0.40 10.13
CA VAL B 24 -19.35 -0.47 9.17
C VAL B 24 -20.50 0.28 8.50
N SER B 25 -20.53 0.25 7.17
CA SER B 25 -21.64 0.81 6.41
C SER B 25 -22.06 -0.13 5.28
N GLY B 26 -23.27 0.10 4.76
CA GLY B 26 -23.76 -0.65 3.59
C GLY B 26 -24.17 -2.09 3.85
N GLY B 27 -24.42 -2.43 5.11
CA GLY B 27 -24.79 -3.79 5.49
C GLY B 27 -25.06 -3.94 6.98
N PRO B 28 -25.67 -5.07 7.38
CA PRO B 28 -26.04 -5.34 8.77
C PRO B 28 -24.83 -5.52 9.70
N ILE B 29 -25.03 -5.23 10.98
CA ILE B 29 -23.99 -5.46 11.99
C ILE B 29 -24.04 -6.89 12.53
N ASN B 30 -25.21 -7.53 12.40
CA ASN B 30 -25.42 -8.94 12.75
C ASN B 30 -24.72 -9.86 11.74
N ASN B 31 -24.70 -11.16 12.05
CA ASN B 31 -24.22 -12.20 11.13
C ASN B 31 -22.82 -11.97 10.57
N ALA B 32 -21.92 -11.48 11.41
CA ALA B 32 -20.53 -11.28 11.01
C ALA B 32 -19.59 -11.30 12.21
N TYR B 33 -18.40 -11.83 12.00
CA TYR B 33 -17.34 -11.69 12.98
C TYR B 33 -16.45 -10.56 12.48
N TRP B 34 -16.59 -9.40 13.11
CA TRP B 34 -15.87 -8.20 12.70
C TRP B 34 -14.43 -8.29 13.15
N THR B 35 -13.53 -8.30 12.17
CA THR B 35 -12.17 -8.79 12.38
C THR B 35 -11.10 -7.72 12.18
N TRP B 36 -10.08 -7.75 13.04
CA TRP B 36 -8.87 -6.96 12.86
C TRP B 36 -7.74 -7.86 12.42
N ILE B 37 -7.02 -7.42 11.39
CA ILE B 37 -5.87 -8.13 10.83
C ILE B 37 -4.80 -7.07 10.57
N ARG B 38 -3.53 -7.43 10.73
CA ARG B 38 -2.47 -6.45 10.52
C ARG B 38 -1.35 -6.95 9.59
N GLN B 39 -0.57 -6.00 9.08
CA GLN B 39 0.50 -6.32 8.14
C GLN B 39 1.64 -5.32 8.26
N PRO B 40 2.76 -5.74 8.87
CA PRO B 40 3.98 -4.92 8.93
C PRO B 40 4.51 -4.62 7.53
N PRO B 41 5.17 -3.46 7.35
CA PRO B 41 5.73 -3.11 6.04
C PRO B 41 6.59 -4.23 5.48
N GLY B 42 6.31 -4.63 4.24
CA GLY B 42 7.05 -5.68 3.55
C GLY B 42 6.93 -7.08 4.12
N LYS B 43 6.00 -7.28 5.05
CA LYS B 43 5.80 -8.58 5.70
C LYS B 43 4.41 -9.16 5.41
N GLY B 44 4.11 -10.30 6.02
CA GLY B 44 2.84 -10.99 5.80
C GLY B 44 1.70 -10.55 6.70
N LEU B 45 0.52 -11.13 6.46
CA LEU B 45 -0.66 -10.83 7.25
C LEU B 45 -0.65 -11.59 8.58
N GLU B 46 -1.17 -10.95 9.62
CA GLU B 46 -1.31 -11.60 10.93
C GLU B 46 -2.69 -11.33 11.52
N TYR B 47 -3.36 -12.40 11.92
CA TYR B 47 -4.68 -12.33 12.56
C TYR B 47 -4.58 -11.69 13.95
N LEU B 48 -5.56 -10.86 14.29
CA LEU B 48 -5.61 -10.26 15.63
C LEU B 48 -6.80 -10.78 16.43
N GLY B 49 -8.01 -10.61 15.90
CA GLY B 49 -9.19 -11.13 16.54
C GLY B 49 -10.50 -10.64 15.97
N TYR B 50 -11.61 -11.15 16.50
CA TYR B 50 -12.93 -10.68 16.11
C TYR B 50 -13.84 -10.31 17.28
N VAL B 51 -14.86 -9.54 16.97
CA VAL B 51 -15.98 -9.30 17.87
C VAL B 51 -17.28 -9.58 17.12
N TYR B 52 -18.20 -10.26 17.79
CA TYR B 52 -19.55 -10.51 17.29
C TYR B 52 -20.46 -9.43 17.87
N HIS B 53 -21.64 -9.22 17.29
CA HIS B 53 -22.53 -8.14 17.72
C HIS B 53 -22.96 -8.23 19.20
N THR B 54 -22.95 -9.43 19.76
CA THR B 54 -23.32 -9.64 21.16
C THR B 54 -22.17 -9.28 22.11
N GLY B 55 -20.99 -9.05 21.55
CA GLY B 55 -19.81 -8.69 22.33
C GLY B 55 -18.81 -9.83 22.48
N VAL B 56 -19.20 -11.02 22.03
CA VAL B 56 -18.32 -12.19 22.08
C VAL B 56 -17.08 -11.94 21.24
N THR B 57 -15.92 -12.26 21.81
CA THR B 57 -14.65 -12.05 21.12
C THR B 57 -13.87 -13.34 20.88
N ASN B 58 -12.93 -13.28 19.94
CA ASN B 58 -11.97 -14.34 19.69
C ASN B 58 -10.64 -13.73 19.31
N TYR B 59 -9.58 -14.15 19.98
CA TYR B 59 -8.26 -13.54 19.77
C TYR B 59 -7.21 -14.54 19.29
N ASN B 60 -6.24 -14.03 18.53
CA ASN B 60 -4.99 -14.73 18.27
C ASN B 60 -4.37 -15.05 19.63
N PRO B 61 -4.13 -16.35 19.93
CA PRO B 61 -3.58 -16.77 21.22
C PRO B 61 -2.30 -16.05 21.62
N SER B 62 -1.46 -15.74 20.64
CA SER B 62 -0.16 -15.11 20.89
C SER B 62 -0.28 -13.63 21.30
N LEU B 63 -1.45 -13.04 21.08
CA LEU B 63 -1.66 -11.61 21.34
C LEU B 63 -2.82 -11.33 22.30
N LYS B 64 -3.51 -12.39 22.73
CA LYS B 64 -4.70 -12.27 23.60
C LYS B 64 -4.51 -11.37 24.83
N SER B 65 -3.37 -11.50 25.49
CA SER B 65 -3.10 -10.78 26.74
C SER B 65 -2.99 -9.25 26.57
N ARG B 66 -2.66 -8.79 25.36
CA ARG B 66 -2.48 -7.37 25.10
C ARG B 66 -3.66 -6.74 24.35
N LEU B 67 -4.55 -7.60 23.87
CA LEU B 67 -5.58 -7.17 22.91
C LEU B 67 -6.99 -7.18 23.49
N THR B 68 -7.73 -6.11 23.22
CA THR B 68 -9.16 -6.03 23.53
C THR B 68 -9.90 -5.47 22.32
N ILE B 69 -10.92 -6.19 21.88
CA ILE B 69 -11.79 -5.71 20.80
C ILE B 69 -13.20 -5.53 21.34
N THR B 70 -13.83 -4.41 21.01
CA THR B 70 -15.17 -4.08 21.49
C THR B 70 -16.05 -3.65 20.34
N ILE B 71 -17.36 -3.76 20.53
CA ILE B 71 -18.32 -3.34 19.51
C ILE B 71 -19.37 -2.39 20.07
N ASP B 72 -19.75 -1.40 19.27
CA ASP B 72 -20.88 -0.53 19.56
C ASP B 72 -21.89 -0.69 18.44
N THR B 73 -22.86 -1.58 18.67
CA THR B 73 -23.85 -1.95 17.64
C THR B 73 -24.73 -0.80 17.21
N SER B 74 -25.00 0.13 18.13
CA SER B 74 -25.84 1.29 17.82
C SER B 74 -25.15 2.25 16.84
N ARG B 75 -23.82 2.33 16.92
CA ARG B 75 -23.04 3.19 16.03
C ARG B 75 -22.44 2.42 14.86
N LYS B 76 -22.66 1.11 14.84
CA LYS B 76 -22.08 0.20 13.84
C LYS B 76 -20.57 0.39 13.74
N GLN B 77 -19.94 0.44 14.92
CA GLN B 77 -18.50 0.63 15.02
C GLN B 77 -17.90 -0.42 15.95
N LEU B 78 -16.70 -0.88 15.61
CA LEU B 78 -15.92 -1.73 16.50
C LEU B 78 -14.58 -1.04 16.79
N SER B 79 -13.97 -1.39 17.91
CA SER B 79 -12.72 -0.77 18.30
C SER B 79 -11.67 -1.79 18.65
N LEU B 80 -10.41 -1.44 18.40
CA LEU B 80 -9.27 -2.25 18.81
C LEU B 80 -8.48 -1.52 19.89
N SER B 81 -8.05 -2.28 20.90
CA SER B 81 -7.18 -1.75 21.94
C SER B 81 -6.00 -2.70 22.10
N LEU B 82 -4.80 -2.22 21.76
CA LEU B 82 -3.58 -3.01 21.88
C LEU B 82 -2.62 -2.33 22.86
N LYS B 83 -2.41 -2.97 23.99
CA LYS B 83 -1.60 -2.39 25.07
C LYS B 83 -0.10 -2.64 24.91
N PHE B 84 0.69 -1.75 25.48
CA PHE B 84 2.16 -1.87 25.57
C PHE B 84 2.84 -2.15 24.22
N VAL B 85 2.59 -1.28 23.25
CA VAL B 85 3.11 -1.46 21.89
C VAL B 85 4.63 -1.31 21.81
N THR B 86 5.23 -2.06 20.88
CA THR B 86 6.64 -1.91 20.52
C THR B 86 6.73 -1.75 19.00
N ALA B 87 7.96 -1.67 18.49
CA ALA B 87 8.22 -1.56 17.05
C ALA B 87 7.66 -2.74 16.25
N ALA B 88 7.46 -3.87 16.92
CA ALA B 88 6.86 -5.06 16.33
C ALA B 88 5.38 -4.85 15.98
N ASP B 89 4.78 -3.81 16.56
CA ASP B 89 3.37 -3.51 16.34
C ASP B 89 3.15 -2.46 15.23
N SER B 90 4.24 -1.92 14.69
CA SER B 90 4.16 -1.03 13.53
C SER B 90 3.67 -1.80 12.31
N ALA B 91 2.53 -1.37 11.77
CA ALA B 91 1.86 -2.12 10.71
C ALA B 91 0.68 -1.35 10.13
N VAL B 92 0.19 -1.82 8.99
CA VAL B 92 -1.12 -1.42 8.48
C VAL B 92 -2.14 -2.32 9.17
N TYR B 93 -3.13 -1.70 9.78
CA TYR B 93 -4.18 -2.44 10.48
C TYR B 93 -5.47 -2.43 9.66
N TYR B 94 -5.93 -3.63 9.31
CA TYR B 94 -7.13 -3.80 8.49
C TYR B 94 -8.33 -4.21 9.31
N CYS B 95 -9.48 -3.63 8.99
CA CYS B 95 -10.76 -4.14 9.44
C CYS B 95 -11.31 -5.04 8.33
N ALA B 96 -11.83 -6.20 8.69
CA ALA B 96 -12.37 -7.14 7.70
C ALA B 96 -13.63 -7.85 8.21
N ARG B 97 -14.45 -8.31 7.27
CA ARG B 97 -15.70 -9.00 7.62
C ARG B 97 -15.59 -10.48 7.36
N GLU B 98 -15.80 -11.29 8.40
CA GLU B 98 -16.05 -12.71 8.21
C GLU B 98 -17.57 -12.93 8.29
N TRP B 99 -18.18 -13.20 7.14
CA TRP B 99 -19.61 -13.44 7.06
C TRP B 99 -19.96 -14.72 7.84
N ALA B 100 -20.93 -14.60 8.75
CA ALA B 100 -21.35 -15.71 9.58
C ALA B 100 -22.86 -15.91 9.50
N GLU B 101 -23.29 -16.80 8.60
CA GLU B 101 -24.69 -17.01 8.27
C GLU B 101 -24.82 -18.25 7.41
N ASP B 102 -26.01 -18.85 7.38
CA ASP B 102 -26.27 -19.96 6.47
C ASP B 102 -25.91 -19.53 5.04
N GLY B 103 -25.02 -20.28 4.41
CA GLY B 103 -24.54 -19.97 3.06
C GLY B 103 -23.27 -19.14 2.99
N ASP B 104 -22.57 -19.00 4.11
CA ASP B 104 -21.35 -18.17 4.13
C ASP B 104 -20.11 -18.86 3.55
N PHE B 105 -18.97 -18.16 3.58
CA PHE B 105 -17.72 -18.67 3.00
C PHE B 105 -16.83 -19.38 4.02
N GLY B 106 -17.37 -19.69 5.19
CA GLY B 106 -16.58 -20.26 6.27
C GLY B 106 -15.69 -19.21 6.93
N ASN B 107 -14.51 -19.63 7.37
CA ASN B 107 -13.60 -18.75 8.11
C ASN B 107 -12.74 -17.87 7.19
N ALA B 108 -13.40 -17.12 6.32
CA ALA B 108 -12.75 -16.28 5.32
C ALA B 108 -13.08 -14.81 5.50
N PHE B 109 -12.22 -13.95 4.96
CA PHE B 109 -12.43 -12.51 5.01
C PHE B 109 -12.72 -12.00 3.59
N HIS B 110 -14.01 -11.79 3.32
CA HIS B 110 -14.47 -11.51 1.95
C HIS B 110 -14.50 -10.03 1.59
N VAL B 111 -14.45 -9.16 2.60
CA VAL B 111 -14.33 -7.72 2.37
C VAL B 111 -13.41 -7.09 3.42
N TRP B 112 -12.57 -6.16 2.97
CA TRP B 112 -11.58 -5.52 3.81
C TRP B 112 -11.66 -4.01 3.66
N GLY B 113 -11.31 -3.30 4.72
CA GLY B 113 -11.07 -1.86 4.61
C GLY B 113 -9.76 -1.62 3.87
N GLN B 114 -9.42 -0.36 3.62
CA GLN B 114 -8.16 -0.03 2.94
C GLN B 114 -6.98 -0.08 3.92
N GLY B 115 -7.30 -0.16 5.21
CA GLY B 115 -6.30 -0.22 6.26
C GLY B 115 -5.89 1.14 6.79
N THR B 116 -5.35 1.17 8.00
CA THR B 116 -4.79 2.39 8.56
C THR B 116 -3.37 2.13 9.04
N MET B 117 -2.45 3.01 8.63
CA MET B 117 -1.04 2.85 8.97
C MET B 117 -0.77 3.31 10.40
N VAL B 118 -0.07 2.46 11.14
CA VAL B 118 0.33 2.79 12.51
C VAL B 118 1.84 2.65 12.63
N ALA B 119 2.48 3.72 13.06
CA ALA B 119 3.91 3.71 13.37
C ALA B 119 4.09 3.79 14.89
N VAL B 120 4.91 2.90 15.42
CA VAL B 120 5.27 2.94 16.84
C VAL B 120 6.65 3.58 16.96
N SER B 121 6.68 4.82 17.43
CA SER B 121 7.90 5.62 17.47
C SER B 121 7.88 6.68 18.57
N SER B 122 9.07 7.12 18.97
CA SER B 122 9.22 8.23 19.92
C SER B 122 9.17 9.57 19.20
N ALA B 123 9.39 9.55 17.88
CA ALA B 123 9.36 10.76 17.05
C ALA B 123 8.00 11.44 17.09
N SER B 124 7.98 12.75 16.89
CA SER B 124 6.73 13.51 16.93
C SER B 124 6.10 13.64 15.56
N THR B 125 4.79 13.89 15.53
CA THR B 125 4.07 14.11 14.27
C THR B 125 4.47 15.46 13.69
N LYS B 126 4.58 15.51 12.37
CA LYS B 126 4.94 16.73 11.67
C LYS B 126 4.12 16.84 10.40
N GLY B 127 3.41 17.96 10.26
CA GLY B 127 2.64 18.24 9.05
C GLY B 127 3.55 18.58 7.88
N PRO B 128 3.06 18.40 6.64
CA PRO B 128 3.90 18.64 5.47
C PRO B 128 4.02 20.11 5.09
N SER B 129 5.14 20.45 4.45
CA SER B 129 5.26 21.70 3.71
C SER B 129 4.90 21.38 2.26
N VAL B 130 3.95 22.11 1.70
CA VAL B 130 3.50 21.87 0.32
C VAL B 130 3.96 22.99 -0.61
N PHE B 131 4.71 22.62 -1.64
CA PHE B 131 5.19 23.59 -2.63
C PHE B 131 4.66 23.27 -4.02
N PRO B 132 4.24 24.31 -4.77
CA PRO B 132 3.76 24.06 -6.12
C PRO B 132 4.92 23.82 -7.08
N LEU B 133 4.74 22.87 -7.99
CA LEU B 133 5.70 22.63 -9.05
C LEU B 133 5.08 23.17 -10.34
N ALA B 134 5.52 24.36 -10.73
CA ALA B 134 4.90 25.12 -11.82
C ALA B 134 4.94 24.37 -13.15
N PRO B 135 3.87 24.51 -13.97
CA PRO B 135 3.76 23.83 -15.25
C PRO B 135 4.92 24.12 -16.19
N SER B 136 5.41 23.07 -16.85
CA SER B 136 6.59 23.14 -17.70
C SER B 136 6.58 21.98 -18.68
N SER B 137 6.89 22.27 -19.95
CA SER B 137 7.14 21.22 -20.93
C SER B 137 8.58 20.75 -20.84
N LYS B 138 9.48 21.71 -20.62
CA LYS B 138 10.92 21.41 -20.50
C LYS B 138 11.27 20.52 -19.31
N SER B 139 10.31 20.35 -18.40
CA SER B 139 10.51 19.52 -17.21
C SER B 139 10.55 18.03 -17.49
N THR B 140 9.86 17.59 -18.55
CA THR B 140 9.66 16.16 -18.79
C THR B 140 10.29 15.65 -20.09
N SER B 141 10.52 14.34 -20.14
CA SER B 141 10.99 13.66 -21.34
C SER B 141 9.81 13.04 -22.10
N GLY B 142 8.61 13.19 -21.53
CA GLY B 142 7.41 12.49 -22.02
C GLY B 142 6.59 13.15 -23.12
N GLY B 143 7.07 14.29 -23.61
CA GLY B 143 6.39 15.01 -24.70
C GLY B 143 5.11 15.73 -24.31
N THR B 144 4.93 15.96 -23.01
CA THR B 144 3.76 16.67 -22.51
C THR B 144 4.20 17.86 -21.67
N ALA B 145 3.24 18.60 -21.12
CA ALA B 145 3.51 19.53 -20.04
C ALA B 145 3.34 18.77 -18.73
N ALA B 146 4.09 19.18 -17.71
CA ALA B 146 3.99 18.56 -16.39
C ALA B 146 3.89 19.62 -15.31
N LEU B 147 3.01 19.40 -14.34
CA LEU B 147 2.88 20.25 -13.18
C LEU B 147 2.67 19.37 -11.96
N GLY B 148 2.83 19.92 -10.77
CA GLY B 148 2.61 19.12 -9.58
C GLY B 148 2.73 19.83 -8.26
N CYS B 149 2.81 19.01 -7.21
CA CYS B 149 3.00 19.49 -5.85
C CYS B 149 4.04 18.66 -5.14
N LEU B 150 4.98 19.34 -4.49
CA LEU B 150 5.97 18.70 -3.64
C LEU B 150 5.48 18.74 -2.20
N VAL B 151 5.36 17.57 -1.59
CA VAL B 151 4.86 17.43 -0.23
C VAL B 151 6.02 17.00 0.66
N LYS B 152 6.58 17.94 1.42
CA LYS B 152 7.87 17.70 2.06
C LYS B 152 7.84 17.67 3.59
N ASP B 153 8.66 16.78 4.15
CA ASP B 153 9.01 16.77 5.58
C ASP B 153 7.85 16.50 6.53
N TYR B 154 7.10 15.44 6.25
CA TYR B 154 6.01 15.03 7.12
C TYR B 154 6.31 13.71 7.82
N PHE B 155 5.58 13.46 8.92
CA PHE B 155 5.72 12.23 9.68
C PHE B 155 4.48 12.03 10.57
N PRO B 156 3.99 10.79 10.68
CA PRO B 156 4.39 9.60 9.94
C PRO B 156 3.62 9.52 8.61
N GLU B 157 3.72 8.38 7.92
CA GLU B 157 2.90 8.13 6.74
C GLU B 157 1.44 7.84 7.12
N PRO B 158 0.49 8.05 6.19
CA PRO B 158 0.68 8.54 4.84
C PRO B 158 0.13 9.94 4.58
N VAL B 159 0.53 10.51 3.45
CA VAL B 159 -0.15 11.63 2.83
C VAL B 159 -0.91 11.07 1.62
N THR B 160 -2.14 11.52 1.45
CA THR B 160 -2.88 11.25 0.21
C THR B 160 -3.00 12.55 -0.58
N VAL B 161 -3.03 12.44 -1.90
CA VAL B 161 -3.17 13.60 -2.78
C VAL B 161 -4.27 13.37 -3.79
N SER B 162 -5.16 14.36 -3.91
CA SER B 162 -6.10 14.42 -5.02
C SER B 162 -5.93 15.78 -5.71
N TRP B 163 -6.50 15.92 -6.89
CA TRP B 163 -6.44 17.17 -7.63
C TRP B 163 -7.83 17.70 -7.94
N ASN B 164 -8.03 18.99 -7.67
CA ASN B 164 -9.32 19.65 -7.88
C ASN B 164 -10.48 18.93 -7.20
N SER B 165 -10.25 18.50 -5.96
CA SER B 165 -11.24 17.80 -5.13
C SER B 165 -11.73 16.48 -5.75
N GLY B 166 -10.86 15.85 -6.54
CA GLY B 166 -11.18 14.59 -7.19
C GLY B 166 -11.70 14.71 -8.61
N ALA B 167 -11.86 15.94 -9.08
CA ALA B 167 -12.37 16.21 -10.43
C ALA B 167 -11.32 15.96 -11.52
N LEU B 168 -10.05 15.94 -11.13
CA LEU B 168 -8.95 15.67 -12.06
C LEU B 168 -8.23 14.38 -11.68
N THR B 169 -8.33 13.38 -12.55
CA THR B 169 -7.77 12.05 -12.28
C THR B 169 -6.86 11.55 -13.41
N SER B 170 -7.22 11.87 -14.66
CA SER B 170 -6.41 11.48 -15.81
C SER B 170 -5.09 12.26 -15.81
N GLY B 171 -3.98 11.53 -15.98
CA GLY B 171 -2.66 12.14 -16.00
C GLY B 171 -2.07 12.39 -14.62
N VAL B 172 -2.79 11.98 -13.57
CA VAL B 172 -2.32 12.16 -12.21
C VAL B 172 -1.46 10.97 -11.79
N HIS B 173 -0.28 11.26 -11.26
CA HIS B 173 0.60 10.25 -10.69
C HIS B 173 1.17 10.75 -9.36
N THR B 174 0.71 10.14 -8.27
CA THR B 174 1.28 10.41 -6.96
C THR B 174 2.31 9.34 -6.66
N PHE B 175 3.56 9.78 -6.48
CA PHE B 175 4.68 8.87 -6.31
C PHE B 175 4.80 8.36 -4.88
N PRO B 176 5.31 7.13 -4.69
CA PRO B 176 5.60 6.65 -3.36
C PRO B 176 6.57 7.58 -2.63
N ALA B 177 6.38 7.72 -1.32
CA ALA B 177 7.20 8.63 -0.52
C ALA B 177 8.62 8.11 -0.34
N VAL B 178 9.56 9.04 -0.19
CA VAL B 178 10.92 8.70 0.21
C VAL B 178 11.07 8.93 1.71
N LEU B 179 11.78 8.01 2.37
CA LEU B 179 12.20 8.23 3.74
C LEU B 179 13.56 8.92 3.68
N GLN B 180 13.56 10.21 4.01
CA GLN B 180 14.78 11.00 4.01
C GLN B 180 15.61 10.66 5.24
N SER B 181 16.91 10.91 5.16
CA SER B 181 17.83 10.60 6.27
C SER B 181 17.48 11.36 7.55
N SER B 182 16.70 12.44 7.42
CA SER B 182 16.22 13.21 8.56
C SER B 182 15.16 12.44 9.37
N GLY B 183 14.64 11.37 8.77
CA GLY B 183 13.57 10.59 9.37
C GLY B 183 12.19 11.08 8.98
N LEU B 184 12.16 12.09 8.11
CA LEU B 184 10.89 12.65 7.63
C LEU B 184 10.61 12.20 6.21
N TYR B 185 9.33 12.15 5.84
CA TYR B 185 8.92 11.68 4.52
C TYR B 185 8.67 12.83 3.55
N SER B 186 8.90 12.55 2.27
CA SER B 186 8.55 13.46 1.21
C SER B 186 7.98 12.68 0.03
N LEU B 187 6.99 13.27 -0.64
CA LEU B 187 6.49 12.73 -1.88
C LEU B 187 6.15 13.83 -2.87
N SER B 188 5.91 13.44 -4.12
CA SER B 188 5.42 14.36 -5.13
C SER B 188 4.24 13.76 -5.86
N SER B 189 3.30 14.61 -6.24
CA SER B 189 2.20 14.24 -7.11
C SER B 189 2.30 15.09 -8.37
N VAL B 190 2.24 14.44 -9.53
CA VAL B 190 2.42 15.15 -10.80
C VAL B 190 1.22 14.91 -11.72
N VAL B 191 0.80 15.99 -12.38
CA VAL B 191 -0.21 15.91 -13.42
C VAL B 191 0.46 16.19 -14.76
N THR B 192 0.31 15.25 -15.70
CA THR B 192 0.78 15.44 -17.06
C THR B 192 -0.40 15.79 -17.94
N VAL B 193 -0.30 16.92 -18.65
CA VAL B 193 -1.38 17.43 -19.48
C VAL B 193 -0.82 17.97 -20.80
N PRO B 194 -1.67 18.02 -21.85
CA PRO B 194 -1.27 18.73 -23.06
C PRO B 194 -0.96 20.18 -22.73
N SER B 195 0.14 20.71 -23.27
CA SER B 195 0.57 22.07 -22.97
C SER B 195 -0.44 23.13 -23.38
N SER B 196 -1.21 22.85 -24.43
CA SER B 196 -2.25 23.75 -24.91
C SER B 196 -3.41 23.89 -23.92
N SER B 197 -3.58 22.87 -23.08
CA SER B 197 -4.66 22.87 -22.07
C SER B 197 -4.34 23.74 -20.85
N LEU B 198 -3.10 24.21 -20.73
CA LEU B 198 -2.69 25.11 -19.66
C LEU B 198 -3.34 26.48 -19.86
N GLY B 199 -3.96 27.00 -18.80
CA GLY B 199 -4.67 28.28 -18.88
C GLY B 199 -6.17 28.13 -19.06
N THR B 200 -6.60 26.91 -19.38
CA THR B 200 -8.04 26.60 -19.50
C THR B 200 -8.54 25.89 -18.25
N GLN B 201 -7.63 25.61 -17.31
CA GLN B 201 -7.95 24.84 -16.11
C GLN B 201 -7.22 25.40 -14.89
N THR B 202 -7.91 25.41 -13.76
CA THR B 202 -7.29 25.72 -12.46
C THR B 202 -6.75 24.42 -11.88
N TYR B 203 -5.53 24.47 -11.34
CA TYR B 203 -4.90 23.29 -10.74
C TYR B 203 -4.64 23.50 -9.25
N ILE B 204 -5.26 22.66 -8.43
CA ILE B 204 -5.07 22.67 -6.98
C ILE B 204 -4.86 21.24 -6.50
N CYS B 205 -3.75 21.00 -5.81
CA CYS B 205 -3.52 19.70 -5.19
C CYS B 205 -4.08 19.71 -3.77
N ASN B 206 -4.89 18.69 -3.48
CA ASN B 206 -5.49 18.53 -2.17
C ASN B 206 -4.70 17.51 -1.36
N VAL B 207 -3.91 18.03 -0.43
CA VAL B 207 -3.02 17.21 0.39
C VAL B 207 -3.70 16.91 1.72
N ASN B 208 -3.78 15.63 2.05
CA ASN B 208 -4.38 15.18 3.31
C ASN B 208 -3.35 14.41 4.13
N HIS B 209 -3.02 14.93 5.30
CA HIS B 209 -2.12 14.26 6.24
C HIS B 209 -2.86 14.05 7.56
N LYS B 210 -3.64 12.98 7.60
CA LYS B 210 -4.48 12.67 8.76
C LYS B 210 -3.72 12.50 10.08
N PRO B 211 -2.50 11.90 10.06
CA PRO B 211 -1.76 11.75 11.32
C PRO B 211 -1.44 13.06 12.05
N SER B 212 -1.33 14.18 11.32
CA SER B 212 -1.05 15.47 11.95
C SER B 212 -2.27 16.40 12.00
N ASN B 213 -3.42 15.91 11.55
CA ASN B 213 -4.65 16.70 11.47
C ASN B 213 -4.47 17.93 10.58
N THR B 214 -3.79 17.74 9.45
CA THR B 214 -3.48 18.84 8.53
C THR B 214 -4.01 18.53 7.13
N LYS B 215 -4.61 19.53 6.52
CA LYS B 215 -4.96 19.48 5.10
C LYS B 215 -4.45 20.75 4.43
N VAL B 216 -3.99 20.60 3.20
CA VAL B 216 -3.51 21.74 2.42
C VAL B 216 -4.05 21.65 1.00
N ASP B 217 -4.70 22.73 0.55
CA ASP B 217 -5.13 22.85 -0.83
C ASP B 217 -4.26 23.89 -1.51
N LYS B 218 -3.32 23.42 -2.33
CA LYS B 218 -2.29 24.29 -2.90
C LYS B 218 -2.54 24.58 -4.38
N ARG B 219 -2.72 25.86 -4.69
CA ARG B 219 -2.90 26.32 -6.06
C ARG B 219 -1.56 26.28 -6.80
N VAL B 220 -1.58 25.64 -7.97
CA VAL B 220 -0.39 25.56 -8.82
C VAL B 220 -0.58 26.47 -10.03
N GLU B 221 0.19 27.55 -10.06
CA GLU B 221 0.06 28.56 -11.12
C GLU B 221 1.28 28.57 -12.04
N PRO B 222 1.11 29.04 -13.29
CA PRO B 222 2.22 29.20 -14.24
C PRO B 222 3.40 30.00 -13.68
N ARG C 1 -17.31 -31.75 5.50
CA ARG C 1 -16.15 -32.69 5.39
C ARG C 1 -14.95 -32.27 6.26
N LYS C 2 -14.89 -30.98 6.60
CA LYS C 2 -13.86 -30.47 7.50
C LYS C 2 -14.48 -29.53 8.54
N ARG C 3 -13.83 -29.41 9.69
CA ARG C 3 -14.37 -28.59 10.78
C ARG C 3 -13.87 -27.15 10.75
N ILE C 4 -14.80 -26.22 10.89
CA ILE C 4 -14.50 -24.80 10.93
C ILE C 4 -14.50 -24.30 12.37
N HIS C 5 -14.03 -23.07 12.57
CA HIS C 5 -14.31 -22.38 13.82
C HIS C 5 -15.75 -21.89 13.71
N ILE C 6 -16.61 -22.42 14.56
CA ILE C 6 -18.03 -22.10 14.50
C ILE C 6 -18.28 -20.66 15.00
N GLY C 7 -17.92 -20.41 16.25
CA GLY C 7 -18.17 -19.10 16.88
C GLY C 7 -19.62 -18.96 17.33
N PRO C 8 -19.97 -17.79 17.88
CA PRO C 8 -21.29 -17.55 18.48
C PRO C 8 -22.43 -17.34 17.49
N GLY C 9 -22.10 -17.07 16.22
CA GLY C 9 -23.11 -16.65 15.24
C GLY C 9 -23.46 -17.62 14.13
N ARG C 10 -23.20 -18.91 14.35
CA ARG C 10 -23.48 -19.91 13.32
C ARG C 10 -24.40 -21.04 13.81
N ALA C 11 -25.45 -21.30 13.03
CA ALA C 11 -26.33 -22.46 13.25
C ALA C 11 -25.81 -23.63 12.43
N PHE C 12 -24.51 -23.89 12.56
CA PHE C 12 -23.77 -24.92 11.84
C PHE C 12 -24.22 -26.32 12.24
N TYR C 13 -24.83 -26.41 13.42
CA TYR C 13 -25.44 -27.64 13.93
C TYR C 13 -26.94 -27.61 13.66
N THR C 14 -27.36 -28.38 12.65
CA THR C 14 -28.74 -28.37 12.17
C THR C 14 -29.66 -29.16 13.09
S SO4 D . 1.66 -28.07 11.62
O1 SO4 D . 2.08 -26.69 11.79
O2 SO4 D . 2.24 -28.61 10.40
O3 SO4 D . 2.10 -28.86 12.76
O4 SO4 D . 0.20 -28.14 11.54
S SO4 E . -9.17 -12.55 -15.78
O1 SO4 E . -8.61 -12.85 -14.48
O2 SO4 E . -8.43 -11.45 -16.39
O3 SO4 E . -9.10 -13.73 -16.65
O4 SO4 E . -10.58 -12.16 -15.65
S SO4 F . -10.38 -16.75 23.01
O1 SO4 F . -9.66 -17.01 24.25
O2 SO4 F . -9.72 -15.66 22.30
O3 SO4 F . -10.39 -17.95 22.20
O4 SO4 F . -11.76 -16.36 23.32
S SO4 G . 8.74 25.61 -20.12
O1 SO4 G . 9.57 26.43 -21.00
O2 SO4 G . 8.17 24.52 -20.90
O3 SO4 G . 9.55 25.08 -19.04
O4 SO4 G . 7.66 26.43 -19.57
S SO4 H . -0.18 19.98 -27.40
O1 SO4 H . -0.44 20.80 -28.58
O2 SO4 H . -0.86 18.70 -27.53
O3 SO4 H . 1.26 19.76 -27.27
O4 SO4 H . -0.67 20.68 -26.21
#